data_2VWH
#
_entry.id   2VWH
#
_cell.length_a   61.492
_cell.length_b   112.703
_cell.length_c   151.452
_cell.angle_alpha   90.00
_cell.angle_beta   90.00
_cell.angle_gamma   90.00
#
_symmetry.space_group_name_H-M   'I 2 2 2'
#
loop_
_entity.id
_entity.type
_entity.pdbx_description
1 polymer 'GLUCOSE DEHYDROGENASE'
2 non-polymer 'NADP NICOTINAMIDE-ADENINE-DINUCLEOTIDE PHOSPHATE'
3 non-polymer beta-D-glucopyranose
4 non-polymer 'ZINC ION'
5 water water
#
_entity_poly.entity_id   1
_entity_poly.type   'polypeptide(L)'
_entity_poly.pdbx_seq_one_letter_code
;MKAIAVKRGEDRPVVIEKPRPEPESGEALVRTLRVGVDGTDHEVIAGGHGGFPEGEDHLVLGHEAVGVVVDPNDTELEEG
DIVVPTVRRPPASGTNEYFERDQPDMAPDGMYFERGIVGAHGYMSEFFTSPEKYLVRIPRSQAELGFLIEPISITEKALE
HAYASRSAFDWDPSSAFVLGNGSLGLLTLAMLKVDDKGYENLYCLGRRDRPDPTIDIIEELDATYVDSRQTPVEDVPDVY
EQMDFIYEATGFPKHAIQSVQALAPNGVGALLGVPSDWAFEVDAGAFHREMVLHNKALVGSVNSHVEHFEAATVTFTKLP
KWFLEDLVTGVHPLSEFEAAFDDDDTTIKTAIEFSTV
;
_entity_poly.pdbx_strand_id   A
#
# COMPACT_ATOMS: atom_id res chain seq x y z
N MET A 1 -19.47 -3.09 20.46
CA MET A 1 -19.38 -3.03 18.98
C MET A 1 -18.73 -4.30 18.46
N LYS A 2 -18.99 -4.59 17.18
CA LYS A 2 -18.36 -5.72 16.52
C LYS A 2 -17.04 -5.29 15.87
N ALA A 3 -16.10 -6.23 15.86
CA ALA A 3 -14.78 -6.05 15.25
C ALA A 3 -14.36 -7.36 14.59
N ILE A 4 -13.50 -7.27 13.58
CA ILE A 4 -12.96 -8.43 12.89
C ILE A 4 -11.51 -8.55 13.31
N ALA A 5 -11.16 -9.69 13.91
CA ALA A 5 -9.87 -9.89 14.54
C ALA A 5 -9.28 -11.25 14.19
N VAL A 6 -7.97 -11.37 14.30
CA VAL A 6 -7.31 -12.66 14.37
C VAL A 6 -6.93 -12.91 15.84
N LYS A 7 -7.15 -14.14 16.31
CA LYS A 7 -6.82 -14.50 17.71
C LYS A 7 -5.51 -15.28 17.75
N ARG A 8 -4.79 -15.17 18.87
CA ARG A 8 -3.52 -15.91 19.05
C ARG A 8 -3.74 -17.40 18.82
N GLY A 9 -2.83 -18.01 18.05
CA GLY A 9 -2.89 -19.44 17.74
C GLY A 9 -3.87 -19.78 16.64
N GLU A 10 -4.93 -18.98 16.51
CA GLU A 10 -5.98 -19.20 15.52
C GLU A 10 -5.48 -18.75 14.14
N ASP A 11 -6.18 -19.18 13.09
CA ASP A 11 -5.67 -19.04 11.72
C ASP A 11 -6.54 -18.17 10.79
N ARG A 12 -7.79 -17.91 11.18
CA ARG A 12 -8.74 -17.20 10.33
C ARG A 12 -9.30 -15.98 11.04
N PRO A 13 -9.80 -14.98 10.27
CA PRO A 13 -10.42 -13.84 10.95
C PRO A 13 -11.75 -14.25 11.52
N VAL A 14 -12.08 -13.71 12.69
CA VAL A 14 -13.37 -13.97 13.32
C VAL A 14 -13.95 -12.66 13.84
N VAL A 15 -15.25 -12.68 14.11
CA VAL A 15 -15.92 -11.55 14.73
C VAL A 15 -15.76 -11.68 16.22
N ILE A 16 -15.43 -10.56 16.87
CA ILE A 16 -15.41 -10.45 18.32
C ILE A 16 -16.24 -9.23 18.69
N GLU A 17 -16.52 -9.10 19.98
CA GLU A 17 -17.27 -7.97 20.51
C GLU A 17 -16.36 -7.23 21.48
N LYS A 18 -16.41 -5.90 21.43
CA LYS A 18 -15.56 -5.02 22.23
C LYS A 18 -16.36 -3.78 22.58
N PRO A 19 -16.00 -3.09 23.68
CA PRO A 19 -16.69 -1.83 23.98
C PRO A 19 -16.35 -0.72 22.97
N ARG A 20 -17.30 0.16 22.71
CA ARG A 20 -17.06 1.34 21.88
C ARG A 20 -16.03 2.20 22.60
N PRO A 21 -14.96 2.64 21.89
CA PRO A 21 -13.96 3.45 22.55
C PRO A 21 -14.44 4.88 22.77
N GLU A 22 -13.79 5.57 23.70
CA GLU A 22 -14.10 6.95 24.03
C GLU A 22 -12.86 7.77 23.72
N PRO A 23 -13.03 8.89 22.99
CA PRO A 23 -11.89 9.71 22.63
C PRO A 23 -11.33 10.48 23.81
N GLU A 24 -10.02 10.50 23.90
CA GLU A 24 -9.30 11.35 24.83
C GLU A 24 -9.14 12.74 24.23
N SER A 25 -8.56 13.65 24.99
CA SER A 25 -8.30 15.00 24.51
C SER A 25 -7.42 14.94 23.27
N GLY A 26 -7.79 15.72 22.25
CA GLY A 26 -7.07 15.74 20.99
C GLY A 26 -7.51 14.65 19.99
N GLU A 27 -8.46 13.80 20.40
CA GLU A 27 -8.94 12.69 19.56
C GLU A 27 -10.37 12.89 19.12
N ALA A 28 -10.68 12.37 17.94
CA ALA A 28 -12.06 12.31 17.45
C ALA A 28 -12.58 10.87 17.45
N LEU A 29 -13.90 10.71 17.57
CA LEU A 29 -14.55 9.43 17.38
C LEU A 29 -15.06 9.33 15.95
N VAL A 30 -14.70 8.24 15.28
CA VAL A 30 -15.00 8.04 13.87
C VAL A 30 -15.82 6.75 13.73
N ARG A 31 -16.87 6.83 12.93
CA ARG A 31 -17.64 5.65 12.56
C ARG A 31 -17.07 5.11 11.26
N THR A 32 -16.65 3.86 11.27
CA THR A 32 -16.03 3.22 10.12
C THR A 32 -17.03 3.02 8.98
N LEU A 33 -16.63 3.39 7.77
CA LEU A 33 -17.46 3.14 6.60
C LEU A 33 -17.03 1.86 5.91
N ARG A 34 -15.81 1.86 5.38
CA ARG A 34 -15.25 0.74 4.65
C ARG A 34 -13.77 0.57 4.97
N VAL A 35 -13.32 -0.67 4.97
CA VAL A 35 -11.94 -0.99 5.23
C VAL A 35 -11.48 -1.97 4.16
N GLY A 36 -10.38 -1.63 3.50
CA GLY A 36 -9.80 -2.47 2.49
C GLY A 36 -8.97 -3.60 3.06
N VAL A 37 -8.65 -4.56 2.19
CA VAL A 37 -7.77 -5.70 2.50
C VAL A 37 -6.65 -5.73 1.49
N ASP A 38 -5.39 -5.87 1.94
CA ASP A 38 -4.28 -6.01 1.00
C ASP A 38 -3.40 -7.22 1.31
N GLY A 39 -2.34 -7.39 0.54
CA GLY A 39 -1.44 -8.52 0.70
C GLY A 39 -0.74 -8.54 2.05
N THR A 40 -0.47 -7.36 2.62
CA THR A 40 0.12 -7.28 3.96
C THR A 40 -0.83 -7.85 5.03
N ASP A 41 -2.12 -7.55 4.92
CA ASP A 41 -3.12 -8.14 5.83
C ASP A 41 -3.11 -9.68 5.83
N HIS A 42 -3.02 -10.27 4.64
CA HIS A 42 -2.98 -11.72 4.52
C HIS A 42 -1.75 -12.30 5.22
N GLU A 43 -0.62 -11.61 5.07
CA GLU A 43 0.62 -11.99 5.72
C GLU A 43 0.51 -11.86 7.25
N VAL A 44 -0.25 -10.87 7.72
CA VAL A 44 -0.47 -10.67 9.16
C VAL A 44 -1.29 -11.83 9.73
N ILE A 45 -2.35 -12.21 9.02
CA ILE A 45 -3.19 -13.35 9.41
C ILE A 45 -2.38 -14.64 9.46
N ALA A 46 -1.45 -14.81 8.51
CA ALA A 46 -0.64 -16.01 8.41
C ALA A 46 0.57 -16.03 9.38
N GLY A 47 0.88 -14.90 9.99
CA GLY A 47 2.02 -14.83 10.93
C GLY A 47 3.37 -14.46 10.33
N GLY A 48 3.40 -14.18 9.03
CA GLY A 48 4.64 -13.78 8.36
C GLY A 48 5.13 -12.35 8.61
N HIS A 49 4.24 -11.48 9.09
CA HIS A 49 4.58 -10.06 9.29
C HIS A 49 3.75 -9.49 10.43
N GLY A 50 4.30 -8.50 11.14
CA GLY A 50 3.59 -7.80 12.20
C GLY A 50 3.58 -8.55 13.51
N GLY A 51 2.62 -8.23 14.37
CA GLY A 51 2.56 -8.80 15.71
C GLY A 51 1.45 -8.24 16.55
N PHE A 52 1.07 -8.98 17.59
CA PHE A 52 -0.06 -8.62 18.44
C PHE A 52 0.29 -7.49 19.39
N PRO A 53 -0.72 -6.79 19.91
CA PRO A 53 -0.46 -5.79 20.94
C PRO A 53 -0.06 -6.51 22.23
N GLU A 54 0.82 -5.90 23.02
CA GLU A 54 1.26 -6.49 24.29
C GLU A 54 0.08 -6.77 25.22
N GLY A 55 0.04 -7.99 25.76
CA GLY A 55 -0.99 -8.38 26.72
C GLY A 55 -2.41 -8.53 26.17
N GLU A 56 -2.55 -8.70 24.85
CA GLU A 56 -3.86 -8.92 24.22
C GLU A 56 -3.91 -10.31 23.56
N ASP A 57 -5.09 -10.93 23.60
CA ASP A 57 -5.30 -12.25 23.00
C ASP A 57 -5.69 -12.18 21.53
N HIS A 58 -5.80 -10.97 20.98
CA HIS A 58 -6.25 -10.77 19.61
C HIS A 58 -5.69 -9.49 18.96
N LEU A 59 -5.80 -9.42 17.63
CA LEU A 59 -5.47 -8.20 16.89
C LEU A 59 -6.61 -7.87 15.94
N VAL A 60 -7.23 -6.70 16.13
CA VAL A 60 -8.23 -6.21 15.21
C VAL A 60 -7.48 -5.86 13.92
N LEU A 61 -7.97 -6.38 12.80
CA LEU A 61 -7.30 -6.22 11.51
C LEU A 61 -7.67 -4.89 10.82
N GLY A 62 -6.99 -4.59 9.71
CA GLY A 62 -7.37 -3.48 8.84
C GLY A 62 -6.57 -2.21 9.05
N HIS A 63 -5.94 -1.73 7.97
CA HIS A 63 -5.16 -0.49 8.01
C HIS A 63 -5.52 0.52 6.91
N GLU A 64 -6.32 0.10 5.92
CA GLU A 64 -6.77 0.96 4.83
C GLU A 64 -8.23 1.34 5.09
N ALA A 65 -8.48 2.49 5.70
CA ALA A 65 -9.82 2.77 6.20
C ALA A 65 -10.33 4.13 5.78
N VAL A 66 -11.65 4.24 5.70
CA VAL A 66 -12.31 5.54 5.59
C VAL A 66 -13.52 5.53 6.54
N GLY A 67 -13.77 6.67 7.17
CA GLY A 67 -14.82 6.80 8.16
C GLY A 67 -15.41 8.20 8.17
N VAL A 68 -16.43 8.37 9.00
CA VAL A 68 -17.08 9.68 9.17
C VAL A 68 -16.97 10.09 10.64
N VAL A 69 -16.59 11.35 10.86
CA VAL A 69 -16.45 11.87 12.21
C VAL A 69 -17.83 12.01 12.84
N VAL A 70 -18.03 11.32 13.96
CA VAL A 70 -19.31 11.39 14.70
C VAL A 70 -19.19 12.21 15.99
N ASP A 71 -17.99 12.31 16.56
CA ASP A 71 -17.75 13.21 17.68
C ASP A 71 -16.38 13.88 17.55
N PRO A 72 -16.37 15.18 17.19
CA PRO A 72 -15.09 15.87 17.03
C PRO A 72 -14.38 16.15 18.34
N ASN A 73 -15.09 16.00 19.46
CA ASN A 73 -14.50 16.19 20.79
C ASN A 73 -13.90 17.60 20.85
N ASP A 74 -12.66 17.77 21.28
CA ASP A 74 -12.06 19.11 21.34
C ASP A 74 -11.10 19.39 20.18
N THR A 75 -11.36 18.79 19.01
CA THR A 75 -10.49 18.95 17.82
C THR A 75 -11.13 19.95 16.86
N GLU A 76 -10.39 20.34 15.83
CA GLU A 76 -10.91 21.28 14.82
C GLU A 76 -11.64 20.59 13.69
N LEU A 77 -11.83 19.27 13.79
CA LEU A 77 -12.66 18.55 12.85
C LEU A 77 -14.13 18.85 13.11
N GLU A 78 -14.97 18.52 12.15
CA GLU A 78 -16.39 18.77 12.26
C GLU A 78 -17.18 17.49 12.13
N GLU A 79 -18.35 17.45 12.74
CA GLU A 79 -19.25 16.31 12.62
C GLU A 79 -19.57 16.11 11.13
N GLY A 80 -19.46 14.86 10.68
CA GLY A 80 -19.74 14.54 9.29
C GLY A 80 -18.55 14.66 8.33
N ASP A 81 -17.40 15.11 8.82
CA ASP A 81 -16.20 15.10 7.98
C ASP A 81 -15.85 13.67 7.57
N ILE A 82 -15.41 13.50 6.33
CA ILE A 82 -14.95 12.20 5.85
C ILE A 82 -13.45 12.21 6.06
N VAL A 83 -12.93 11.21 6.76
CA VAL A 83 -11.52 11.16 7.13
C VAL A 83 -10.93 9.78 6.84
N VAL A 84 -9.64 9.78 6.51
CA VAL A 84 -8.83 8.58 6.39
C VAL A 84 -7.72 8.67 7.43
N PRO A 85 -7.59 7.64 8.29
CA PRO A 85 -6.52 7.66 9.27
C PRO A 85 -5.16 7.23 8.70
N THR A 86 -4.08 7.85 9.19
CA THR A 86 -2.74 7.31 8.96
C THR A 86 -2.56 6.03 9.79
N VAL A 87 -1.49 5.31 9.54
CA VAL A 87 -1.33 3.98 10.11
C VAL A 87 -0.42 3.92 11.34
N ARG A 88 0.63 4.75 11.36
CA ARG A 88 1.62 4.69 12.43
C ARG A 88 1.29 5.54 13.66
N ARG A 89 1.58 4.98 14.83
CA ARG A 89 1.37 5.64 16.11
C ARG A 89 2.60 5.41 16.99
N PRO A 90 2.83 6.31 17.97
CA PRO A 90 3.98 6.15 18.87
C PRO A 90 3.92 4.83 19.63
N PRO A 91 5.08 4.23 19.93
CA PRO A 91 5.06 2.98 20.67
C PRO A 91 4.76 3.21 22.15
N ALA A 92 4.74 2.12 22.92
CA ALA A 92 4.40 2.15 24.36
C ALA A 92 5.23 3.14 25.16
N SER A 93 6.54 3.14 24.90
CA SER A 93 7.49 4.06 25.54
C SER A 93 7.17 5.56 25.35
N GLY A 94 6.43 5.90 24.29
CA GLY A 94 6.01 7.28 24.03
C GLY A 94 6.66 7.85 22.77
N THR A 95 6.50 9.15 22.58
CA THR A 95 6.96 9.84 21.38
C THR A 95 8.47 9.77 21.24
N ASN A 96 8.94 9.99 20.02
CA ASN A 96 10.36 10.05 19.73
C ASN A 96 10.55 11.08 18.61
N GLU A 97 11.80 11.29 18.20
CA GLU A 97 12.12 12.34 17.22
C GLU A 97 11.38 12.21 15.89
N TYR A 98 11.10 10.97 15.46
CA TYR A 98 10.41 10.76 14.17
C TYR A 98 8.98 11.27 14.24
N PHE A 99 8.32 11.07 15.37
CA PHE A 99 6.97 11.57 15.54
C PHE A 99 6.99 13.08 15.79
N GLU A 100 7.97 13.55 16.56
CA GLU A 100 8.07 14.99 16.87
C GLU A 100 8.34 15.84 15.63
N ARG A 101 9.17 15.34 14.71
CA ARG A 101 9.46 16.06 13.47
C ARG A 101 8.48 15.74 12.34
N ASP A 102 7.39 15.05 12.65
CA ASP A 102 6.35 14.71 11.67
C ASP A 102 6.85 13.82 10.52
N GLN A 103 7.69 12.85 10.83
CA GLN A 103 8.12 11.89 9.82
C GLN A 103 8.14 10.46 10.38
N PRO A 104 7.00 10.02 10.95
CA PRO A 104 6.93 8.67 11.54
C PRO A 104 7.12 7.54 10.54
N ASP A 105 6.88 7.84 9.26
CA ASP A 105 7.11 6.91 8.18
C ASP A 105 8.60 6.55 8.01
N MET A 106 9.49 7.36 8.59
CA MET A 106 10.92 7.06 8.59
C MET A 106 11.42 6.37 9.86
N ALA A 107 10.52 6.11 10.81
CA ALA A 107 10.94 5.51 12.08
C ALA A 107 11.37 4.05 11.89
N PRO A 108 12.45 3.65 12.57
CA PRO A 108 12.87 2.26 12.48
C PRO A 108 12.08 1.28 13.35
N ASP A 109 12.38 0.02 13.10
CA ASP A 109 11.83 -1.10 13.85
C ASP A 109 11.88 -0.83 15.36
N GLY A 110 10.75 -1.02 16.02
CA GLY A 110 10.65 -0.84 17.46
C GLY A 110 10.34 0.56 17.90
N MET A 111 10.28 1.51 16.97
CA MET A 111 10.00 2.90 17.33
C MET A 111 8.65 3.39 16.80
N TYR A 112 7.79 2.43 16.45
CA TYR A 112 6.43 2.74 16.01
C TYR A 112 5.51 1.54 16.25
N PHE A 113 4.22 1.80 16.33
CA PHE A 113 3.20 0.79 16.08
C PHE A 113 2.55 1.09 14.73
N GLU A 114 2.06 0.06 14.04
CA GLU A 114 1.17 0.23 12.90
C GLU A 114 -0.16 -0.40 13.22
N ARG A 115 -1.21 0.41 13.17
CA ARG A 115 -2.56 -0.04 13.48
C ARG A 115 -3.01 -1.09 12.46
N GLY A 116 -3.45 -2.23 12.98
CA GLY A 116 -3.86 -3.37 12.18
C GLY A 116 -2.73 -4.29 11.74
N ILE A 117 -1.50 -3.97 12.11
CA ILE A 117 -0.35 -4.67 11.59
C ILE A 117 0.64 -5.05 12.69
N VAL A 118 1.14 -4.05 13.43
CA VAL A 118 2.05 -4.34 14.52
C VAL A 118 1.83 -3.52 15.78
N GLY A 119 1.47 -4.24 16.84
CA GLY A 119 1.44 -3.69 18.19
C GLY A 119 0.22 -2.87 18.56
N ALA A 120 -0.70 -2.67 17.61
CA ALA A 120 -1.89 -1.85 17.88
C ALA A 120 -3.04 -2.33 17.01
N HIS A 121 -4.24 -2.34 17.59
CA HIS A 121 -5.46 -2.73 16.88
C HIS A 121 -5.73 -1.83 15.67
N GLY A 122 -6.22 -2.45 14.60
CA GLY A 122 -6.60 -1.76 13.37
C GLY A 122 -7.99 -1.16 13.37
N TYR A 123 -8.57 -1.07 12.17
CA TYR A 123 -9.77 -0.26 11.92
C TYR A 123 -11.02 -1.07 11.54
N MET A 124 -10.94 -2.39 11.52
CA MET A 124 -12.10 -3.24 11.24
C MET A 124 -12.98 -3.40 12.47
N SER A 125 -13.51 -2.28 12.93
CA SER A 125 -14.45 -2.22 14.04
C SER A 125 -15.45 -1.14 13.67
N GLU A 126 -16.62 -1.17 14.29
CA GLU A 126 -17.66 -0.22 13.93
C GLU A 126 -17.27 1.23 14.19
N PHE A 127 -16.49 1.44 15.24
CA PHE A 127 -15.96 2.75 15.59
C PHE A 127 -14.49 2.66 15.94
N PHE A 128 -13.79 3.77 15.74
CA PHE A 128 -12.44 3.91 16.28
C PHE A 128 -12.16 5.37 16.64
N THR A 129 -11.10 5.59 17.43
CA THR A 129 -10.63 6.92 17.74
C THR A 129 -9.25 7.15 17.14
N SER A 130 -8.91 8.40 16.91
CA SER A 130 -7.53 8.77 16.58
C SER A 130 -7.31 10.23 16.90
N PRO A 131 -6.05 10.61 17.17
CA PRO A 131 -5.69 12.01 17.25
C PRO A 131 -5.94 12.71 15.92
N GLU A 132 -6.37 13.97 16.02
CA GLU A 132 -6.68 14.81 14.87
C GLU A 132 -5.51 14.91 13.91
N LYS A 133 -4.30 14.97 14.46
CA LYS A 133 -3.13 15.11 13.61
C LYS A 133 -2.94 13.91 12.66
N TYR A 134 -3.53 12.75 12.98
CA TYR A 134 -3.40 11.54 12.14
C TYR A 134 -4.68 11.23 11.35
N LEU A 135 -5.61 12.18 11.31
CA LEU A 135 -6.83 12.03 10.52
C LEU A 135 -6.77 13.00 9.34
N VAL A 136 -6.83 12.48 8.11
CA VAL A 136 -6.75 13.32 6.91
C VAL A 136 -8.14 13.48 6.31
N ARG A 137 -8.63 14.72 6.26
CA ARG A 137 -9.90 15.01 5.58
C ARG A 137 -9.79 14.79 4.10
N ILE A 138 -10.77 14.11 3.51
CA ILE A 138 -10.79 13.91 2.06
C ILE A 138 -12.12 14.43 1.50
N PRO A 139 -12.18 14.72 0.19
CA PRO A 139 -13.46 15.15 -0.40
C PRO A 139 -14.56 14.14 -0.16
N ARG A 140 -15.76 14.62 0.16
CA ARG A 140 -16.88 13.74 0.49
C ARG A 140 -17.20 12.72 -0.60
N SER A 141 -17.06 13.10 -1.85
CA SER A 141 -17.36 12.20 -2.96
C SER A 141 -16.34 11.04 -3.11
N GLN A 142 -15.21 11.11 -2.43
CA GLN A 142 -14.27 9.98 -2.40
C GLN A 142 -14.58 8.97 -1.27
N ALA A 143 -15.65 9.19 -0.50
CA ALA A 143 -15.97 8.32 0.64
C ALA A 143 -16.12 6.83 0.25
N GLU A 144 -16.84 6.55 -0.82
CA GLU A 144 -17.09 5.15 -1.21
C GLU A 144 -15.84 4.34 -1.55
N LEU A 145 -14.84 4.97 -2.16
CA LEU A 145 -13.58 4.28 -2.45
C LEU A 145 -12.42 4.85 -1.64
N GLY A 146 -12.72 5.44 -0.49
CA GLY A 146 -11.74 6.16 0.30
C GLY A 146 -10.68 5.28 0.95
N PHE A 147 -10.95 3.99 1.05
CA PHE A 147 -9.94 3.02 1.51
C PHE A 147 -8.79 2.91 0.51
N LEU A 148 -8.94 3.46 -0.69
CA LEU A 148 -7.84 3.47 -1.67
C LEU A 148 -6.81 4.56 -1.43
N ILE A 149 -7.15 5.55 -0.59
CA ILE A 149 -6.24 6.67 -0.36
C ILE A 149 -4.94 6.21 0.29
N GLU A 150 -5.04 5.28 1.23
CA GLU A 150 -3.83 4.77 1.87
C GLU A 150 -2.84 4.10 0.89
N PRO A 151 -3.28 3.09 0.12
CA PRO A 151 -2.31 2.49 -0.84
C PRO A 151 -1.79 3.45 -1.91
N ILE A 152 -2.62 4.39 -2.36
CA ILE A 152 -2.14 5.44 -3.27
C ILE A 152 -1.00 6.24 -2.61
N SER A 153 -1.17 6.54 -1.32
CA SER A 153 -0.21 7.32 -0.57
C SER A 153 1.14 6.62 -0.43
N ILE A 154 1.13 5.29 -0.36
CA ILE A 154 2.34 4.50 -0.35
C ILE A 154 3.19 4.81 -1.58
N THR A 155 2.56 4.79 -2.74
CA THR A 155 3.23 5.08 -4.00
C THR A 155 3.63 6.55 -4.11
N GLU A 156 2.81 7.45 -3.56
CA GLU A 156 3.21 8.86 -3.55
C GLU A 156 4.54 9.02 -2.82
N LYS A 157 4.71 8.34 -1.68
CA LYS A 157 5.99 8.43 -0.94
C LYS A 157 7.13 7.81 -1.74
N ALA A 158 6.93 6.58 -2.23
CA ALA A 158 7.98 5.88 -2.97
C ALA A 158 8.48 6.70 -4.16
N LEU A 159 7.57 7.32 -4.90
CA LEU A 159 7.95 8.19 -6.03
C LEU A 159 8.71 9.43 -5.57
N GLU A 160 8.29 10.03 -4.47
CA GLU A 160 9.01 11.18 -3.94
C GLU A 160 10.48 10.83 -3.67
N HIS A 161 10.73 9.69 -3.01
CA HIS A 161 12.11 9.29 -2.67
C HIS A 161 12.89 8.81 -3.91
N ALA A 162 12.27 8.00 -4.76
CA ALA A 162 12.92 7.55 -5.99
C ALA A 162 13.30 8.74 -6.89
N TYR A 163 12.38 9.67 -7.07
CA TYR A 163 12.66 10.86 -7.88
C TYR A 163 13.73 11.78 -7.25
N ALA A 164 13.72 11.90 -5.92
CA ALA A 164 14.74 12.70 -5.20
C ALA A 164 16.13 12.17 -5.54
N SER A 165 16.25 10.84 -5.60
CA SER A 165 17.54 10.20 -5.90
C SER A 165 18.10 10.57 -7.26
N ARG A 166 17.24 10.98 -8.18
CA ARG A 166 17.65 11.38 -9.52
C ARG A 166 17.69 12.90 -9.70
N SER A 167 17.59 13.68 -8.62
CA SER A 167 17.43 15.14 -8.77
C SER A 167 18.74 15.91 -8.97
N ALA A 168 19.90 15.26 -8.91
CA ALA A 168 21.16 15.99 -9.09
C ALA A 168 21.58 16.09 -10.55
N PHE A 169 20.78 15.53 -11.47
CA PHE A 169 21.05 15.66 -12.91
C PHE A 169 19.72 15.78 -13.65
N ASP A 170 19.79 16.00 -14.96
CA ASP A 170 18.59 16.13 -15.80
C ASP A 170 18.15 14.74 -16.26
N TRP A 171 17.17 14.20 -15.57
CA TRP A 171 16.70 12.85 -15.82
C TRP A 171 15.37 12.99 -16.52
N ASP A 172 15.23 12.35 -17.67
CA ASP A 172 13.95 12.34 -18.40
C ASP A 172 13.61 10.90 -18.81
N PRO A 173 12.84 10.20 -17.96
CA PRO A 173 12.55 8.80 -18.24
C PRO A 173 11.43 8.65 -19.27
N SER A 174 11.45 7.57 -20.01
CA SER A 174 10.36 7.29 -20.96
C SER A 174 9.67 5.93 -20.70
N SER A 175 10.34 5.03 -19.97
CA SER A 175 9.78 3.68 -19.73
C SER A 175 9.71 3.35 -18.24
N ALA A 176 8.60 2.73 -17.83
CA ALA A 176 8.42 2.26 -16.47
C ALA A 176 7.89 0.82 -16.43
N PHE A 177 8.38 0.07 -15.43
CA PHE A 177 8.11 -1.36 -15.30
C PHE A 177 7.68 -1.61 -13.87
N VAL A 178 6.44 -2.05 -13.70
CA VAL A 178 5.91 -2.42 -12.38
C VAL A 178 6.00 -3.93 -12.22
N LEU A 179 6.64 -4.37 -11.14
CA LEU A 179 6.77 -5.80 -10.86
C LEU A 179 5.66 -6.16 -9.89
N GLY A 180 4.72 -6.97 -10.37
CA GLY A 180 3.60 -7.42 -9.54
C GLY A 180 2.26 -6.91 -10.03
N ASN A 181 1.27 -7.81 -10.00
CA ASN A 181 -0.06 -7.54 -10.51
C ASN A 181 -1.10 -7.68 -9.40
N GLY A 182 -0.69 -7.36 -8.18
CA GLY A 182 -1.58 -7.26 -7.05
C GLY A 182 -2.21 -5.87 -7.03
N SER A 183 -2.96 -5.58 -5.97
CA SER A 183 -3.66 -4.30 -5.90
C SER A 183 -2.67 -3.11 -5.84
N LEU A 184 -1.53 -3.26 -5.15
CA LEU A 184 -0.53 -2.17 -5.15
C LEU A 184 0.10 -1.95 -6.53
N GLY A 185 0.52 -3.04 -7.17
CA GLY A 185 1.12 -2.97 -8.51
C GLY A 185 0.17 -2.35 -9.53
N LEU A 186 -1.09 -2.80 -9.54
CA LEU A 186 -2.07 -2.29 -10.51
C LEU A 186 -2.42 -0.81 -10.30
N LEU A 187 -2.61 -0.41 -9.04
CA LEU A 187 -2.82 0.99 -8.73
C LEU A 187 -1.63 1.84 -9.19
N THR A 188 -0.44 1.35 -8.91
CA THR A 188 0.77 2.08 -9.28
C THR A 188 0.90 2.23 -10.81
N LEU A 189 0.53 1.18 -11.54
CA LEU A 189 0.55 1.24 -13.00
C LEU A 189 -0.32 2.38 -13.54
N ALA A 190 -1.53 2.49 -13.00
CA ALA A 190 -2.44 3.57 -13.37
C ALA A 190 -1.90 4.94 -12.98
N MET A 191 -1.28 5.03 -11.81
CA MET A 191 -0.67 6.29 -11.38
C MET A 191 0.46 6.70 -12.32
N LEU A 192 1.23 5.73 -12.78
CA LEU A 192 2.36 6.04 -13.68
C LEU A 192 1.87 6.53 -15.03
N LYS A 193 0.69 6.08 -15.44
CA LYS A 193 0.08 6.52 -16.68
C LYS A 193 -0.22 8.01 -16.67
N VAL A 194 -0.57 8.52 -15.49
CA VAL A 194 -0.90 9.94 -15.34
C VAL A 194 0.21 10.76 -14.69
N ASP A 195 1.36 10.15 -14.44
CA ASP A 195 2.51 10.83 -13.81
C ASP A 195 3.04 11.96 -14.71
N ASP A 196 3.41 13.08 -14.09
CA ASP A 196 3.97 14.25 -14.79
C ASP A 196 5.28 13.97 -15.53
N LYS A 197 6.03 12.94 -15.13
CA LYS A 197 7.28 12.57 -15.81
C LYS A 197 7.08 12.14 -17.26
N GLY A 198 5.87 11.78 -17.63
CA GLY A 198 5.55 11.48 -19.04
C GLY A 198 6.13 10.18 -19.53
N TYR A 199 5.71 9.08 -18.92
CA TYR A 199 6.15 7.75 -19.37
C TYR A 199 5.44 7.40 -20.67
N GLU A 200 6.19 6.92 -21.66
CA GLU A 200 5.63 6.55 -22.96
C GLU A 200 5.29 5.08 -23.02
N ASN A 201 6.13 4.25 -22.41
CA ASN A 201 5.94 2.81 -22.46
C ASN A 201 5.86 2.22 -21.06
N LEU A 202 4.73 1.56 -20.78
CA LEU A 202 4.49 0.94 -19.47
C LEU A 202 4.44 -0.57 -19.61
N TYR A 203 4.95 -1.26 -18.58
CA TYR A 203 5.06 -2.73 -18.54
C TYR A 203 4.70 -3.18 -17.14
N CYS A 204 4.14 -4.38 -17.02
CA CYS A 204 3.77 -4.95 -15.73
C CYS A 204 4.01 -6.44 -15.73
N LEU A 205 4.73 -6.90 -14.71
CA LEU A 205 5.09 -8.32 -14.54
C LEU A 205 4.09 -9.08 -13.69
N GLY A 206 3.75 -10.27 -14.16
CA GLY A 206 2.86 -11.18 -13.43
C GLY A 206 3.19 -12.59 -13.85
N ARG A 207 2.40 -13.56 -13.41
CA ARG A 207 2.62 -14.96 -13.77
C ARG A 207 1.29 -15.71 -13.94
N ARG A 208 0.36 -15.12 -14.69
CA ARG A 208 -0.99 -15.66 -14.86
C ARG A 208 -1.20 -16.15 -16.29
N ASP A 209 -2.04 -17.18 -16.44
CA ASP A 209 -2.53 -17.63 -17.76
C ASP A 209 -3.80 -16.86 -18.11
N ARG A 210 -3.92 -16.46 -19.37
CA ARG A 210 -5.17 -15.93 -19.87
C ARG A 210 -6.22 -17.07 -19.88
N PRO A 211 -7.50 -16.74 -19.66
CA PRO A 211 -8.02 -15.44 -19.35
C PRO A 211 -7.84 -15.09 -17.87
N ASP A 212 -7.56 -13.82 -17.60
CA ASP A 212 -7.27 -13.36 -16.24
C ASP A 212 -7.59 -11.86 -16.18
N PRO A 213 -8.34 -11.44 -15.16
CA PRO A 213 -8.77 -10.05 -15.08
C PRO A 213 -7.65 -9.05 -14.76
N THR A 214 -6.54 -9.50 -14.20
CA THR A 214 -5.40 -8.58 -13.98
C THR A 214 -4.70 -8.29 -15.30
N ILE A 215 -4.59 -9.30 -16.17
CA ILE A 215 -4.05 -9.11 -17.51
C ILE A 215 -4.90 -8.11 -18.30
N ASP A 216 -6.23 -8.26 -18.19
CA ASP A 216 -7.16 -7.36 -18.87
C ASP A 216 -6.96 -5.90 -18.46
N ILE A 217 -6.75 -5.69 -17.16
CA ILE A 217 -6.55 -4.34 -16.64
C ILE A 217 -5.26 -3.72 -17.20
N ILE A 218 -4.19 -4.53 -17.20
CA ILE A 218 -2.86 -4.09 -17.69
C ILE A 218 -2.97 -3.63 -19.15
N GLU A 219 -3.64 -4.45 -19.97
CA GLU A 219 -3.75 -4.17 -21.40
C GLU A 219 -4.72 -3.05 -21.71
N GLU A 220 -5.79 -2.94 -20.91
CA GLU A 220 -6.73 -1.85 -21.04
C GLU A 220 -6.10 -0.49 -20.70
N LEU A 221 -5.10 -0.48 -19.82
CA LEU A 221 -4.30 0.72 -19.54
C LEU A 221 -3.24 1.03 -20.60
N ASP A 222 -3.19 0.21 -21.65
CA ASP A 222 -2.21 0.31 -22.76
C ASP A 222 -0.79 -0.05 -22.34
N ALA A 223 -0.67 -0.88 -21.31
CA ALA A 223 0.62 -1.39 -20.87
C ALA A 223 0.85 -2.77 -21.45
N THR A 224 2.10 -3.22 -21.42
CA THR A 224 2.46 -4.56 -21.86
C THR A 224 2.58 -5.50 -20.68
N TYR A 225 1.86 -6.62 -20.77
CA TYR A 225 1.95 -7.70 -19.77
C TYR A 225 3.15 -8.56 -20.03
N VAL A 226 4.00 -8.71 -19.01
CA VAL A 226 5.18 -9.57 -19.10
C VAL A 226 5.02 -10.74 -18.15
N ASP A 227 5.07 -11.95 -18.70
CA ASP A 227 4.92 -13.19 -17.92
C ASP A 227 6.28 -13.59 -17.42
N SER A 228 6.48 -13.58 -16.10
CA SER A 228 7.82 -13.90 -15.55
C SER A 228 8.23 -15.36 -15.78
N ARG A 229 7.27 -16.24 -16.01
CA ARG A 229 7.57 -17.64 -16.36
C ARG A 229 8.20 -17.77 -17.76
N GLN A 230 7.86 -16.83 -18.64
CA GLN A 230 8.44 -16.76 -19.99
C GLN A 230 9.68 -15.87 -20.03
N THR A 231 9.56 -14.67 -19.47
CA THR A 231 10.62 -13.66 -19.52
C THR A 231 10.95 -13.18 -18.10
N PRO A 232 12.00 -13.73 -17.49
CA PRO A 232 12.46 -13.26 -16.19
C PRO A 232 12.99 -11.83 -16.27
N VAL A 233 13.01 -11.14 -15.12
CA VAL A 233 13.35 -9.72 -15.06
C VAL A 233 14.67 -9.40 -15.77
N GLU A 234 15.69 -10.21 -15.52
CA GLU A 234 17.01 -9.98 -16.11
C GLU A 234 17.05 -10.09 -17.64
N ASP A 235 16.05 -10.74 -18.23
CA ASP A 235 15.98 -10.94 -19.69
C ASP A 235 15.13 -9.90 -20.40
N VAL A 236 14.38 -9.13 -19.63
CA VAL A 236 13.49 -8.10 -20.17
C VAL A 236 14.15 -7.11 -21.15
N PRO A 237 15.37 -6.63 -20.86
CA PRO A 237 15.98 -5.72 -21.84
C PRO A 237 16.20 -6.32 -23.24
N ASP A 238 16.42 -7.62 -23.31
CA ASP A 238 16.62 -8.30 -24.61
C ASP A 238 15.32 -8.44 -25.40
N VAL A 239 14.24 -8.75 -24.69
CA VAL A 239 12.93 -8.96 -25.32
C VAL A 239 12.20 -7.64 -25.54
N TYR A 240 12.25 -6.75 -24.57
CA TYR A 240 11.50 -5.50 -24.65
C TYR A 240 12.45 -4.31 -24.74
N GLU A 241 12.77 -3.70 -23.60
CA GLU A 241 13.69 -2.57 -23.55
C GLU A 241 14.20 -2.39 -22.13
N GLN A 242 15.26 -1.61 -21.99
CA GLN A 242 15.74 -1.21 -20.66
C GLN A 242 14.76 -0.23 -20.07
N MET A 243 14.55 -0.33 -18.75
CA MET A 243 13.52 0.44 -18.06
C MET A 243 14.14 1.57 -17.23
N ASP A 244 13.65 2.79 -17.44
CA ASP A 244 14.14 3.95 -16.71
C ASP A 244 13.72 3.92 -15.25
N PHE A 245 12.53 3.41 -14.98
CA PHE A 245 11.99 3.33 -13.62
C PHE A 245 11.41 1.94 -13.39
N ILE A 246 11.80 1.32 -12.28
CA ILE A 246 11.20 0.05 -11.87
C ILE A 246 10.59 0.20 -10.48
N TYR A 247 9.40 -0.36 -10.32
CA TYR A 247 8.68 -0.35 -9.03
C TYR A 247 8.37 -1.79 -8.68
N GLU A 248 8.99 -2.25 -7.60
CA GLU A 248 8.89 -3.65 -7.17
C GLU A 248 7.78 -3.80 -6.13
N ALA A 249 6.78 -4.59 -6.48
CA ALA A 249 5.62 -4.84 -5.61
C ALA A 249 5.24 -6.32 -5.58
N THR A 250 6.25 -7.20 -5.58
CA THR A 250 6.03 -8.65 -5.52
C THR A 250 6.38 -9.25 -4.17
N GLY A 251 7.32 -8.66 -3.44
CA GLY A 251 7.85 -9.27 -2.23
C GLY A 251 8.77 -10.47 -2.50
N PHE A 252 9.19 -10.64 -3.74
CA PHE A 252 10.08 -11.73 -4.14
C PHE A 252 11.54 -11.22 -4.23
N PRO A 253 12.44 -11.64 -3.31
CA PRO A 253 13.78 -11.02 -3.21
C PRO A 253 14.68 -11.09 -4.43
N LYS A 254 14.49 -12.10 -5.28
CA LYS A 254 15.19 -12.18 -6.55
C LYS A 254 14.93 -10.92 -7.41
N HIS A 255 13.72 -10.38 -7.34
CA HIS A 255 13.38 -9.18 -8.11
C HIS A 255 14.14 -7.93 -7.63
N ALA A 256 14.37 -7.84 -6.33
CA ALA A 256 15.14 -6.74 -5.76
C ALA A 256 16.55 -6.71 -6.35
N ILE A 257 17.16 -7.87 -6.50
CA ILE A 257 18.53 -7.96 -7.03
C ILE A 257 18.59 -7.87 -8.57
N GLN A 258 17.73 -8.63 -9.24
CA GLN A 258 17.73 -8.68 -10.72
C GLN A 258 17.25 -7.39 -11.38
N SER A 259 16.49 -6.57 -10.65
CA SER A 259 16.01 -5.30 -11.20
C SER A 259 17.15 -4.45 -11.74
N VAL A 260 18.30 -4.48 -11.08
CA VAL A 260 19.46 -3.69 -11.53
C VAL A 260 19.85 -4.01 -12.98
N GLN A 261 19.70 -5.27 -13.40
CA GLN A 261 20.02 -5.67 -14.78
C GLN A 261 18.99 -5.16 -15.79
N ALA A 262 17.73 -5.03 -15.38
CA ALA A 262 16.69 -4.52 -16.26
C ALA A 262 16.67 -2.99 -16.35
N LEU A 263 17.30 -2.32 -15.39
CA LEU A 263 17.32 -0.86 -15.40
C LEU A 263 18.15 -0.29 -16.56
N ALA A 264 17.66 0.80 -17.16
CA ALA A 264 18.44 1.59 -18.08
C ALA A 264 19.52 2.35 -17.32
N PRO A 265 20.58 2.80 -18.04
CA PRO A 265 21.55 3.67 -17.39
C PRO A 265 20.86 4.89 -16.76
N ASN A 266 21.31 5.23 -15.55
CA ASN A 266 20.84 6.39 -14.80
C ASN A 266 19.45 6.17 -14.20
N GLY A 267 18.94 4.94 -14.29
CA GLY A 267 17.60 4.63 -13.79
C GLY A 267 17.58 4.37 -12.31
N VAL A 268 16.37 4.27 -11.75
CA VAL A 268 16.18 3.94 -10.34
C VAL A 268 15.12 2.86 -10.17
N GLY A 269 15.35 1.98 -9.21
CA GLY A 269 14.37 0.99 -8.78
C GLY A 269 13.87 1.33 -7.38
N ALA A 270 12.56 1.35 -7.23
CA ALA A 270 11.91 1.53 -5.95
C ALA A 270 11.45 0.17 -5.46
N LEU A 271 11.80 -0.16 -4.22
CA LEU A 271 11.47 -1.46 -3.64
C LEU A 271 10.44 -1.25 -2.54
N LEU A 272 9.30 -1.93 -2.67
CA LEU A 272 8.18 -1.82 -1.72
C LEU A 272 7.79 -3.15 -1.07
N GLY A 273 8.22 -4.26 -1.66
CA GLY A 273 7.74 -5.56 -1.22
C GLY A 273 8.21 -5.93 0.16
N VAL A 274 7.34 -6.59 0.93
CA VAL A 274 7.73 -7.15 2.22
C VAL A 274 8.11 -8.62 1.98
N PRO A 275 9.41 -8.90 2.00
CA PRO A 275 9.91 -10.15 1.46
C PRO A 275 9.86 -11.32 2.43
N SER A 276 9.87 -12.53 1.86
CA SER A 276 10.11 -13.76 2.61
C SER A 276 11.62 -14.02 2.63
N ASP A 277 12.05 -14.90 3.52
CA ASP A 277 13.45 -15.32 3.54
C ASP A 277 13.78 -16.03 2.23
N TRP A 278 15.00 -15.84 1.75
CA TRP A 278 15.38 -16.41 0.46
C TRP A 278 16.87 -16.22 0.20
N ALA A 279 17.51 -17.29 -0.26
CA ALA A 279 18.93 -17.24 -0.60
C ALA A 279 19.17 -17.86 -1.96
N PHE A 280 20.08 -17.29 -2.72
CA PHE A 280 20.44 -17.84 -4.00
C PHE A 280 21.80 -17.32 -4.43
N GLU A 281 22.34 -17.89 -5.51
CA GLU A 281 23.64 -17.49 -6.00
C GLU A 281 23.45 -16.34 -6.95
N VAL A 282 24.05 -15.19 -6.61
CA VAL A 282 23.96 -13.98 -7.42
C VAL A 282 25.29 -13.67 -8.07
N ASP A 283 25.25 -13.18 -9.31
CA ASP A 283 26.41 -12.56 -9.92
C ASP A 283 26.55 -11.17 -9.29
N ALA A 284 27.27 -11.11 -8.18
CA ALA A 284 27.47 -9.86 -7.45
C ALA A 284 28.28 -8.87 -8.26
N GLY A 285 29.21 -9.38 -9.06
CA GLY A 285 30.01 -8.53 -9.92
C GLY A 285 29.18 -7.75 -10.91
N ALA A 286 28.19 -8.42 -11.51
CA ALA A 286 27.32 -7.78 -12.49
C ALA A 286 26.44 -6.71 -11.82
N PHE A 287 25.94 -7.01 -10.62
CA PHE A 287 25.16 -6.06 -9.81
C PHE A 287 25.97 -4.81 -9.53
N HIS A 288 27.17 -5.02 -9.00
CA HIS A 288 28.10 -3.97 -8.62
C HIS A 288 28.49 -3.10 -9.82
N ARG A 289 28.92 -3.73 -10.90
CA ARG A 289 29.36 -3.03 -12.10
C ARG A 289 28.28 -2.15 -12.72
N GLU A 290 27.05 -2.70 -12.84
CA GLU A 290 25.92 -1.93 -13.37
C GLU A 290 25.58 -0.74 -12.49
N MET A 291 25.57 -0.93 -11.16
CA MET A 291 25.27 0.20 -10.26
C MET A 291 26.24 1.36 -10.46
N VAL A 292 27.54 1.03 -10.52
CA VAL A 292 28.57 2.05 -10.58
C VAL A 292 28.69 2.67 -11.97
N LEU A 293 28.98 1.83 -12.97
CA LEU A 293 29.32 2.35 -14.30
C LEU A 293 28.16 3.02 -15.01
N HIS A 294 26.94 2.71 -14.58
CA HIS A 294 25.74 3.29 -15.20
C HIS A 294 24.91 4.13 -14.23
N ASN A 295 25.53 4.61 -13.14
CA ASN A 295 24.93 5.60 -12.24
C ASN A 295 23.51 5.22 -11.84
N LYS A 296 23.32 3.98 -11.40
CA LYS A 296 21.98 3.51 -11.02
C LYS A 296 21.72 3.70 -9.53
N ALA A 297 20.45 3.66 -9.15
CA ALA A 297 20.05 3.74 -7.75
C ALA A 297 18.97 2.72 -7.41
N LEU A 298 18.98 2.29 -6.15
CA LEU A 298 17.93 1.46 -5.58
C LEU A 298 17.51 2.14 -4.29
N VAL A 299 16.20 2.34 -4.16
CA VAL A 299 15.62 3.02 -3.01
C VAL A 299 14.50 2.17 -2.47
N GLY A 300 14.55 1.86 -1.18
CA GLY A 300 13.45 1.20 -0.48
C GLY A 300 12.55 2.21 0.19
N SER A 301 11.26 1.88 0.31
CA SER A 301 10.27 2.76 0.90
C SER A 301 9.22 1.98 1.68
N VAL A 302 8.80 2.51 2.82
CA VAL A 302 7.72 1.90 3.59
C VAL A 302 6.84 2.96 4.21
N ASN A 303 5.54 2.66 4.29
CA ASN A 303 4.59 3.52 4.98
C ASN A 303 4.44 4.84 4.22
N SER A 304 3.88 5.85 4.89
CA SER A 304 3.62 7.14 4.26
C SER A 304 3.04 8.03 5.35
N HIS A 305 2.97 9.32 5.08
CA HIS A 305 2.45 10.27 6.04
C HIS A 305 1.52 11.29 5.39
N VAL A 306 1.10 12.27 6.19
CA VAL A 306 -0.03 13.15 5.85
C VAL A 306 0.06 13.80 4.48
N GLU A 307 1.24 14.32 4.15
CA GLU A 307 1.43 14.98 2.87
C GLU A 307 1.19 14.04 1.69
N HIS A 308 1.53 12.76 1.88
CA HIS A 308 1.32 11.75 0.84
C HIS A 308 -0.17 11.39 0.68
N PHE A 309 -0.91 11.41 1.80
CA PHE A 309 -2.37 11.18 1.79
C PHE A 309 -3.07 12.32 1.06
N GLU A 310 -2.65 13.56 1.36
CA GLU A 310 -3.17 14.74 0.65
C GLU A 310 -2.95 14.65 -0.86
N ALA A 311 -1.74 14.29 -1.24
CA ALA A 311 -1.39 14.15 -2.64
C ALA A 311 -2.24 13.08 -3.30
N ALA A 312 -2.47 11.99 -2.58
CA ALA A 312 -3.32 10.90 -3.07
C ALA A 312 -4.73 11.35 -3.45
N THR A 313 -5.31 12.33 -2.75
CA THR A 313 -6.66 12.77 -3.09
C THR A 313 -6.69 13.42 -4.47
N VAL A 314 -5.59 14.05 -4.85
CA VAL A 314 -5.47 14.66 -6.18
C VAL A 314 -5.28 13.58 -7.24
N THR A 315 -4.38 12.63 -6.96
CA THR A 315 -4.13 11.54 -7.90
C THR A 315 -5.40 10.73 -8.15
N PHE A 316 -6.16 10.47 -7.08
CA PHE A 316 -7.44 9.74 -7.19
C PHE A 316 -8.34 10.30 -8.30
N THR A 317 -8.51 11.62 -8.30
CA THR A 317 -9.35 12.32 -9.30
C THR A 317 -8.90 12.09 -10.75
N LYS A 318 -7.61 11.85 -10.93
CA LYS A 318 -7.06 11.64 -12.27
C LYS A 318 -7.18 10.22 -12.77
N LEU A 319 -7.50 9.27 -11.90
CA LEU A 319 -7.57 7.87 -12.32
C LEU A 319 -8.84 7.59 -13.11
N PRO A 320 -8.76 6.77 -14.18
CA PRO A 320 -9.95 6.48 -14.98
C PRO A 320 -11.03 5.76 -14.18
N LYS A 321 -12.28 6.12 -14.42
CA LYS A 321 -13.41 5.52 -13.70
C LYS A 321 -13.56 4.03 -14.00
N TRP A 322 -13.36 3.62 -15.25
CA TRP A 322 -13.43 2.19 -15.58
C TRP A 322 -12.42 1.41 -14.73
N PHE A 323 -11.26 2.00 -14.49
CA PHE A 323 -10.19 1.33 -13.80
C PHE A 323 -10.55 1.03 -12.34
N LEU A 324 -11.08 2.05 -11.66
CA LEU A 324 -11.58 1.93 -10.28
C LEU A 324 -12.69 0.89 -10.15
N GLU A 325 -13.56 0.81 -11.17
CA GLU A 325 -14.62 -0.21 -11.19
C GLU A 325 -14.06 -1.63 -11.34
N ASP A 326 -13.08 -1.79 -12.23
CA ASP A 326 -12.51 -3.10 -12.47
C ASP A 326 -11.56 -3.57 -11.37
N LEU A 327 -10.89 -2.63 -10.69
CA LEU A 327 -9.94 -2.99 -9.64
C LEU A 327 -10.64 -3.55 -8.40
N VAL A 328 -11.76 -2.96 -8.03
CA VAL A 328 -12.45 -3.33 -6.79
C VAL A 328 -13.44 -4.42 -7.13
N THR A 329 -13.08 -5.66 -6.84
CA THR A 329 -13.86 -6.82 -7.28
C THR A 329 -15.00 -7.16 -6.32
N GLY A 330 -14.90 -6.74 -5.06
CA GLY A 330 -16.00 -6.98 -4.13
C GLY A 330 -15.97 -6.09 -2.93
N VAL A 331 -17.10 -5.44 -2.65
CA VAL A 331 -17.28 -4.73 -1.39
C VAL A 331 -18.35 -5.51 -0.63
N HIS A 332 -17.98 -6.04 0.53
CA HIS A 332 -18.82 -6.99 1.24
C HIS A 332 -19.37 -6.43 2.52
N PRO A 333 -20.69 -6.59 2.75
CA PRO A 333 -21.19 -6.17 4.05
C PRO A 333 -20.59 -7.03 5.16
N LEU A 334 -20.61 -6.49 6.37
CA LEU A 334 -20.08 -7.15 7.54
C LEU A 334 -20.69 -8.56 7.71
N SER A 335 -21.97 -8.71 7.38
CA SER A 335 -22.63 -10.03 7.41
C SER A 335 -21.93 -11.10 6.56
N GLU A 336 -21.22 -10.68 5.50
CA GLU A 336 -20.49 -11.59 4.63
C GLU A 336 -19.00 -11.29 4.64
N PHE A 337 -18.47 -10.92 5.80
CA PHE A 337 -17.10 -10.43 5.87
C PHE A 337 -16.07 -11.42 5.37
N GLU A 338 -16.33 -12.71 5.58
CA GLU A 338 -15.37 -13.76 5.20
C GLU A 338 -14.97 -13.70 3.73
N ALA A 339 -15.91 -13.34 2.85
CA ALA A 339 -15.66 -13.24 1.41
C ALA A 339 -14.54 -12.26 1.04
N ALA A 340 -14.34 -11.22 1.86
CA ALA A 340 -13.30 -10.21 1.61
C ALA A 340 -11.91 -10.79 1.70
N PHE A 341 -11.78 -11.94 2.37
CA PHE A 341 -10.48 -12.59 2.56
C PHE A 341 -10.18 -13.74 1.58
N ASP A 342 -11.08 -14.00 0.63
CA ASP A 342 -10.76 -14.86 -0.53
C ASP A 342 -9.53 -14.34 -1.28
N ASP A 343 -8.72 -15.25 -1.79
CA ASP A 343 -7.50 -14.86 -2.48
C ASP A 343 -7.33 -15.72 -3.73
N ASP A 344 -8.37 -15.81 -4.54
CA ASP A 344 -8.24 -16.47 -5.85
C ASP A 344 -7.82 -15.46 -6.91
N ASP A 345 -7.47 -15.97 -8.09
CA ASP A 345 -6.97 -15.15 -9.18
C ASP A 345 -7.93 -14.05 -9.64
N THR A 346 -9.23 -14.26 -9.49
CA THR A 346 -10.23 -13.31 -9.95
C THR A 346 -10.61 -12.28 -8.89
N THR A 347 -10.03 -12.40 -7.70
CA THR A 347 -10.22 -11.41 -6.65
C THR A 347 -9.03 -10.45 -6.66
N ILE A 348 -9.29 -9.16 -6.85
CA ILE A 348 -8.23 -8.16 -6.91
C ILE A 348 -8.24 -7.34 -5.61
N LYS A 349 -9.03 -6.27 -5.56
CA LYS A 349 -9.14 -5.49 -4.34
C LYS A 349 -10.52 -5.72 -3.74
N THR A 350 -10.55 -6.08 -2.46
CA THR A 350 -11.79 -6.21 -1.71
C THR A 350 -11.83 -5.23 -0.56
N ALA A 351 -13.03 -5.04 -0.03
CA ALA A 351 -13.25 -4.21 1.15
C ALA A 351 -14.46 -4.75 1.93
N ILE A 352 -14.52 -4.40 3.20
CA ILE A 352 -15.68 -4.69 4.05
C ILE A 352 -16.40 -3.39 4.39
N GLU A 353 -17.71 -3.38 4.19
CA GLU A 353 -18.54 -2.24 4.52
C GLU A 353 -19.20 -2.40 5.89
N PHE A 354 -18.86 -1.49 6.80
CA PHE A 354 -19.41 -1.46 8.14
C PHE A 354 -20.64 -0.59 8.21
N SER A 355 -20.65 0.52 7.47
CA SER A 355 -21.80 1.42 7.42
C SER A 355 -21.74 2.32 6.22
N THR A 356 -22.80 3.09 5.98
CA THR A 356 -22.85 4.02 4.87
C THR A 356 -23.03 5.43 5.40
N VAL A 357 -22.82 6.43 4.55
CA VAL A 357 -22.87 7.83 5.01
C VAL A 357 -24.33 8.22 5.13
#